data_6B0F
#
_entry.id   6B0F
#
_cell.length_a   105.820
_cell.length_b   52.100
_cell.length_c   97.020
_cell.angle_alpha   90.00
_cell.angle_beta   114.33
_cell.angle_gamma   90.00
#
_symmetry.space_group_name_H-M   'C 1 2 1'
#
loop_
_entity.id
_entity.type
_entity.pdbx_description
1 polymer 'Estrogen receptor'
2 non-polymer LSZ102
3 non-polymer GLYCEROL
4 water water
#
_entity_poly.entity_id   1
_entity_poly.type   'polypeptide(L)'
_entity_poly.pdbx_seq_one_letter_code
;GSKKNSLALSLTADQMVSALLDAEPPILYSEYDPTRPFSEASMMGLLTNLADRELVHMINWAKRVPGFVDLTLHDQVHLL
ESAWLEILMIGLVWRSMEHPGKLLFAPNLLLDRNQGKSVEGMVEIFDMLLATSSRFRMMNLQGEEFVCLKSIILLNSGVY
TFLSSTLKSLEEKDHIHRVLDKITDTLIHLMAKAGLTLQQQHQRLAQLLLILSHIRHMSNKGMEHLYSMKSKNVVPLYDL
LLEMLDAHRLHAPT
;
_entity_poly.pdbx_strand_id   A,B
#
loop_
_chem_comp.id
_chem_comp.type
_chem_comp.name
_chem_comp.formula
C6V non-polymer LSZ102 'C25 H17 F3 O4 S'
GOL non-polymer GLYCEROL 'C3 H8 O3'
#
# COMPACT_ATOMS: atom_id res chain seq x y z
N SER A 10 -16.38 -10.18 -16.33
CA SER A 10 -17.14 -11.38 -16.70
C SER A 10 -16.27 -12.64 -16.80
N LEU A 11 -14.94 -12.45 -16.88
CA LEU A 11 -13.93 -13.52 -17.02
C LEU A 11 -13.88 -14.45 -15.80
N THR A 12 -13.48 -15.72 -16.01
CA THR A 12 -13.30 -16.66 -14.91
C THR A 12 -11.92 -16.35 -14.29
N ALA A 13 -11.63 -16.85 -13.07
CA ALA A 13 -10.36 -16.61 -12.37
C ALA A 13 -9.15 -17.17 -13.13
N ASP A 14 -9.37 -18.23 -13.93
CA ASP A 14 -8.36 -18.83 -14.80
C ASP A 14 -8.28 -18.02 -16.08
N GLN A 15 -9.44 -17.55 -16.61
CA GLN A 15 -9.51 -16.70 -17.81
C GLN A 15 -8.79 -15.37 -17.59
N MET A 16 -8.94 -14.79 -16.37
CA MET A 16 -8.35 -13.53 -15.88
C MET A 16 -6.82 -13.63 -15.79
N VAL A 17 -6.31 -14.65 -15.06
CA VAL A 17 -4.88 -14.91 -14.86
C VAL A 17 -4.15 -15.16 -16.21
N SER A 18 -4.85 -15.73 -17.20
CA SER A 18 -4.29 -16.01 -18.52
C SER A 18 -4.26 -14.73 -19.37
N ALA A 19 -5.25 -13.83 -19.19
CA ALA A 19 -5.28 -12.52 -19.87
C ALA A 19 -4.13 -11.66 -19.35
N LEU A 20 -3.92 -11.65 -18.01
CA LEU A 20 -2.82 -10.91 -17.36
C LEU A 20 -1.46 -11.45 -17.82
N LEU A 21 -1.32 -12.79 -17.89
CA LEU A 21 -0.08 -13.43 -18.33
C LEU A 21 0.27 -13.13 -19.80
N ASP A 22 -0.77 -12.96 -20.68
CA ASP A 22 -0.65 -12.59 -22.11
C ASP A 22 -0.30 -11.10 -22.25
N ALA A 23 -0.83 -10.24 -21.33
CA ALA A 23 -0.62 -8.79 -21.25
C ALA A 23 0.83 -8.41 -20.91
N GLU A 24 1.61 -9.37 -20.36
CA GLU A 24 2.98 -9.22 -19.90
C GLU A 24 3.94 -8.54 -20.88
N PRO A 25 4.60 -7.46 -20.38
CA PRO A 25 5.55 -6.72 -21.21
C PRO A 25 6.85 -7.50 -21.43
N PRO A 26 7.70 -7.11 -22.40
CA PRO A 26 8.96 -7.84 -22.57
C PRO A 26 10.02 -7.36 -21.58
N ILE A 27 11.12 -8.10 -21.48
CA ILE A 27 12.25 -7.69 -20.64
C ILE A 27 13.16 -6.89 -21.58
N LEU A 28 13.46 -5.64 -21.21
CA LEU A 28 14.26 -4.77 -22.06
C LEU A 28 15.74 -4.77 -21.67
N TYR A 29 16.61 -4.33 -22.60
CA TYR A 29 18.06 -4.19 -22.45
C TYR A 29 18.38 -2.69 -22.41
N SER A 30 19.68 -2.34 -22.42
CA SER A 30 20.15 -0.95 -22.39
C SER A 30 21.15 -0.61 -23.50
N SER A 39 30.07 5.40 -13.80
CA SER A 39 29.79 6.82 -13.61
C SER A 39 28.34 7.07 -13.19
N GLU A 40 28.10 8.15 -12.42
CA GLU A 40 26.79 8.56 -11.92
C GLU A 40 25.87 8.91 -13.10
N ALA A 41 26.36 9.78 -14.02
CA ALA A 41 25.61 10.28 -15.19
C ALA A 41 25.40 9.23 -16.25
N SER A 42 26.33 8.26 -16.36
CA SER A 42 26.20 7.18 -17.34
C SER A 42 25.05 6.27 -16.90
N MET A 43 25.15 5.73 -15.66
CA MET A 43 24.19 4.84 -15.00
C MET A 43 22.80 5.45 -15.01
N MET A 44 22.67 6.77 -14.68
CA MET A 44 21.40 7.51 -14.69
C MET A 44 20.81 7.66 -16.10
N GLY A 45 21.66 7.98 -17.08
CA GLY A 45 21.29 8.07 -18.50
C GLY A 45 20.75 6.74 -19.01
N LEU A 46 21.25 5.64 -18.43
CA LEU A 46 20.83 4.29 -18.74
C LEU A 46 19.48 4.00 -18.07
N LEU A 47 19.35 4.28 -16.76
CA LEU A 47 18.11 4.04 -16.01
C LEU A 47 16.93 4.90 -16.56
N THR A 48 17.20 6.20 -16.87
CA THR A 48 16.25 7.15 -17.48
C THR A 48 15.77 6.60 -18.84
N ASN A 49 16.71 6.22 -19.72
CA ASN A 49 16.40 5.66 -21.04
C ASN A 49 15.63 4.33 -20.95
N LEU A 50 16.07 3.38 -20.07
CA LEU A 50 15.45 2.07 -19.88
C LEU A 50 14.01 2.20 -19.45
N ALA A 51 13.75 3.08 -18.44
CA ALA A 51 12.39 3.32 -17.95
C ALA A 51 11.52 3.95 -19.03
N ASP A 52 12.06 4.91 -19.82
CA ASP A 52 11.39 5.62 -20.93
C ASP A 52 10.80 4.62 -21.95
N ARG A 53 11.64 3.72 -22.46
CA ARG A 53 11.24 2.68 -23.38
C ARG A 53 10.27 1.70 -22.67
N GLU A 54 10.48 1.43 -21.35
CA GLU A 54 9.64 0.53 -20.54
C GLU A 54 8.24 1.11 -20.34
N LEU A 55 8.11 2.46 -20.34
CA LEU A 55 6.85 3.19 -20.21
C LEU A 55 5.90 2.94 -21.35
N VAL A 56 6.45 2.84 -22.57
CA VAL A 56 5.71 2.59 -23.82
C VAL A 56 5.12 1.19 -23.77
N HIS A 57 5.91 0.19 -23.29
CA HIS A 57 5.43 -1.19 -23.17
C HIS A 57 4.40 -1.33 -22.06
N MET A 58 4.49 -0.46 -21.01
CA MET A 58 3.58 -0.38 -19.86
C MET A 58 2.21 0.15 -20.30
N ILE A 59 2.17 1.16 -21.20
CA ILE A 59 0.90 1.70 -21.71
C ILE A 59 0.12 0.58 -22.51
N ASN A 60 0.84 -0.21 -23.36
CA ASN A 60 0.27 -1.36 -24.10
C ASN A 60 -0.27 -2.41 -23.13
N TRP A 61 0.50 -2.68 -22.04
CA TRP A 61 0.14 -3.65 -20.99
C TRP A 61 -1.12 -3.21 -20.26
N ALA A 62 -1.16 -1.94 -19.79
CA ALA A 62 -2.30 -1.41 -19.04
C ALA A 62 -3.61 -1.57 -19.81
N LYS A 63 -3.60 -1.37 -21.14
CA LYS A 63 -4.78 -1.54 -22.00
C LYS A 63 -5.20 -3.03 -22.18
N ARG A 64 -4.25 -3.95 -21.97
CA ARG A 64 -4.46 -5.41 -22.02
C ARG A 64 -5.04 -5.94 -20.67
N VAL A 65 -4.97 -5.10 -19.59
CA VAL A 65 -5.51 -5.39 -18.27
C VAL A 65 -7.05 -5.26 -18.37
N PRO A 66 -7.81 -6.33 -18.04
CA PRO A 66 -9.29 -6.24 -18.12
C PRO A 66 -9.90 -5.12 -17.30
N GLY A 67 -10.74 -4.31 -17.94
CA GLY A 67 -11.44 -3.20 -17.30
C GLY A 67 -10.87 -1.82 -17.54
N PHE A 68 -9.52 -1.72 -17.70
CA PHE A 68 -8.79 -0.45 -17.90
C PHE A 68 -9.16 0.32 -19.19
N VAL A 69 -9.47 -0.41 -20.27
CA VAL A 69 -9.80 0.17 -21.58
C VAL A 69 -11.28 0.66 -21.62
N ASP A 70 -12.17 0.14 -20.72
CA ASP A 70 -13.56 0.58 -20.57
C ASP A 70 -13.55 2.03 -20.02
N LEU A 71 -12.52 2.36 -19.19
CA LEU A 71 -12.29 3.66 -18.56
C LEU A 71 -12.09 4.76 -19.59
N THR A 72 -12.46 5.99 -19.22
CA THR A 72 -12.26 7.16 -20.08
C THR A 72 -10.77 7.45 -20.06
N LEU A 73 -10.23 7.97 -21.19
CA LEU A 73 -8.82 8.35 -21.38
C LEU A 73 -8.28 9.17 -20.20
N HIS A 74 -9.10 10.10 -19.65
CA HIS A 74 -8.78 10.92 -18.48
C HIS A 74 -8.44 10.04 -17.25
N ASP A 75 -9.25 8.98 -17.02
CA ASP A 75 -9.06 8.05 -15.91
C ASP A 75 -7.84 7.16 -16.12
N GLN A 76 -7.59 6.77 -17.38
CA GLN A 76 -6.48 5.93 -17.79
C GLN A 76 -5.16 6.65 -17.53
N VAL A 77 -5.11 7.93 -17.92
CA VAL A 77 -3.99 8.84 -17.70
C VAL A 77 -3.68 8.90 -16.18
N HIS A 78 -4.66 9.36 -15.38
CA HIS A 78 -4.58 9.52 -13.93
C HIS A 78 -4.00 8.31 -13.19
N LEU A 79 -4.46 7.09 -13.54
CA LEU A 79 -4.02 5.85 -12.93
C LEU A 79 -2.57 5.60 -13.29
N LEU A 80 -2.23 5.70 -14.59
CA LEU A 80 -0.85 5.49 -15.02
C LEU A 80 0.10 6.53 -14.42
N GLU A 81 -0.22 7.84 -14.45
CA GLU A 81 0.63 8.89 -13.86
C GLU A 81 0.93 8.63 -12.38
N SER A 82 -0.08 8.15 -11.64
CA SER A 82 0.01 7.81 -10.22
C SER A 82 0.68 6.43 -9.96
N ALA A 83 0.94 5.63 -11.01
CA ALA A 83 1.47 4.29 -10.76
C ALA A 83 2.66 3.86 -11.60
N TRP A 84 3.11 4.66 -12.58
CA TRP A 84 4.22 4.28 -13.45
C TRP A 84 5.51 3.92 -12.69
N LEU A 85 5.81 4.53 -11.49
CA LEU A 85 7.05 4.12 -10.81
C LEU A 85 6.87 2.83 -9.99
N GLU A 86 5.75 2.67 -9.26
CA GLU A 86 5.44 1.44 -8.49
C GLU A 86 5.44 0.21 -9.40
N ILE A 87 4.84 0.36 -10.62
CA ILE A 87 4.74 -0.67 -11.67
C ILE A 87 6.14 -1.04 -12.15
N LEU A 88 7.02 -0.03 -12.34
CA LEU A 88 8.40 -0.26 -12.73
C LEU A 88 9.17 -1.03 -11.64
N MET A 89 9.01 -0.59 -10.38
CA MET A 89 9.63 -1.14 -9.21
C MET A 89 9.16 -2.57 -8.91
N ILE A 90 7.82 -2.88 -8.96
CA ILE A 90 7.30 -4.25 -8.71
C ILE A 90 7.73 -5.22 -9.82
N GLY A 91 7.95 -4.70 -11.03
CA GLY A 91 8.47 -5.47 -12.15
C GLY A 91 9.94 -5.76 -11.88
N LEU A 92 10.68 -4.72 -11.44
CA LEU A 92 12.11 -4.81 -11.12
C LEU A 92 12.37 -5.83 -10.02
N VAL A 93 11.72 -5.63 -8.87
CA VAL A 93 11.80 -6.45 -7.66
C VAL A 93 11.45 -7.94 -7.96
N TRP A 94 10.60 -8.20 -8.98
CA TRP A 94 10.23 -9.54 -9.47
C TRP A 94 11.34 -10.20 -10.35
N ARG A 95 12.03 -9.42 -11.21
CA ARG A 95 13.12 -9.87 -12.09
C ARG A 95 14.38 -10.20 -11.28
N SER A 96 14.72 -9.31 -10.32
CA SER A 96 15.89 -9.30 -9.43
C SER A 96 15.83 -10.38 -8.38
N MET A 97 14.64 -10.90 -8.13
CA MET A 97 14.30 -11.90 -7.12
C MET A 97 15.29 -13.09 -6.97
N GLU A 98 15.68 -13.73 -8.08
CA GLU A 98 16.61 -14.85 -7.97
C GLU A 98 18.08 -14.42 -8.12
N HIS A 99 18.39 -13.16 -7.73
CA HIS A 99 19.72 -12.55 -7.77
C HIS A 99 19.93 -11.75 -6.44
N PRO A 100 20.13 -12.46 -5.30
CA PRO A 100 20.25 -11.77 -4.00
C PRO A 100 21.48 -10.88 -3.85
N GLY A 101 21.23 -9.64 -3.40
CA GLY A 101 22.24 -8.60 -3.20
C GLY A 101 22.37 -7.69 -4.40
N LYS A 102 21.71 -8.05 -5.53
CA LYS A 102 21.72 -7.30 -6.78
C LYS A 102 20.31 -6.97 -7.31
N LEU A 103 20.21 -5.93 -8.17
CA LEU A 103 18.95 -5.47 -8.78
C LEU A 103 19.05 -5.53 -10.29
N LEU A 104 18.32 -6.47 -10.90
CA LEU A 104 18.32 -6.69 -12.36
C LEU A 104 17.37 -5.71 -13.02
N PHE A 105 17.87 -4.50 -13.33
CA PHE A 105 17.11 -3.48 -14.04
C PHE A 105 16.92 -3.93 -15.49
N ALA A 106 17.89 -4.70 -16.04
CA ALA A 106 17.85 -5.29 -17.38
C ALA A 106 18.79 -6.49 -17.38
N PRO A 107 18.68 -7.49 -18.32
CA PRO A 107 19.65 -8.63 -18.31
C PRO A 107 21.12 -8.20 -18.44
N ASN A 108 21.38 -7.11 -19.18
CA ASN A 108 22.69 -6.49 -19.36
C ASN A 108 22.90 -5.33 -18.34
N LEU A 109 21.94 -5.11 -17.40
CA LEU A 109 22.02 -4.06 -16.36
C LEU A 109 21.64 -4.59 -14.96
N LEU A 110 22.55 -5.39 -14.36
CA LEU A 110 22.46 -5.95 -13.01
C LEU A 110 23.42 -5.13 -12.11
N LEU A 111 22.85 -4.33 -11.17
CA LEU A 111 23.61 -3.43 -10.31
C LEU A 111 23.58 -3.83 -8.82
N ASP A 112 24.43 -3.18 -7.98
CA ASP A 112 24.57 -3.40 -6.52
C ASP A 112 25.02 -2.11 -5.79
N VAL A 119 26.16 7.19 -6.98
CA VAL A 119 24.97 8.04 -7.09
C VAL A 119 24.41 8.42 -5.70
N GLU A 120 24.56 9.71 -5.34
CA GLU A 120 24.17 10.31 -4.05
C GLU A 120 22.64 10.35 -3.83
N GLY A 121 22.21 9.81 -2.67
CA GLY A 121 20.82 9.78 -2.25
C GLY A 121 20.07 8.53 -2.65
N MET A 122 20.44 7.95 -3.79
CA MET A 122 19.84 6.77 -4.40
C MET A 122 20.07 5.46 -3.61
N VAL A 123 21.01 5.48 -2.63
CA VAL A 123 21.43 4.33 -1.81
C VAL A 123 20.28 3.77 -0.95
N GLU A 124 19.56 4.64 -0.20
CA GLU A 124 18.44 4.24 0.64
C GLU A 124 17.33 3.54 -0.17
N ILE A 125 17.01 4.08 -1.37
CA ILE A 125 15.98 3.56 -2.29
C ILE A 125 16.39 2.18 -2.84
N PHE A 126 17.65 2.06 -3.32
CA PHE A 126 18.21 0.81 -3.83
C PHE A 126 18.08 -0.30 -2.75
N ASP A 127 18.45 0.03 -1.50
CA ASP A 127 18.40 -0.90 -0.38
C ASP A 127 16.99 -1.34 -0.04
N MET A 128 15.98 -0.49 -0.28
CA MET A 128 14.57 -0.84 -0.06
C MET A 128 14.15 -1.84 -1.16
N LEU A 129 14.48 -1.52 -2.42
CA LEU A 129 14.20 -2.37 -3.57
C LEU A 129 14.88 -3.74 -3.47
N LEU A 130 16.04 -3.80 -2.75
CA LEU A 130 16.74 -5.05 -2.49
C LEU A 130 15.96 -5.84 -1.45
N ALA A 131 15.55 -5.17 -0.34
CA ALA A 131 14.76 -5.77 0.74
C ALA A 131 13.42 -6.32 0.23
N THR A 132 12.72 -5.57 -0.65
CA THR A 132 11.42 -5.95 -1.23
C THR A 132 11.56 -7.23 -2.06
N SER A 133 12.60 -7.28 -2.91
CA SER A 133 12.97 -8.41 -3.77
C SER A 133 13.26 -9.65 -2.90
N SER A 134 13.99 -9.43 -1.78
CA SER A 134 14.34 -10.47 -0.82
C SER A 134 13.09 -10.98 -0.11
N ARG A 135 12.08 -10.11 0.11
CA ARG A 135 10.82 -10.48 0.76
C ARG A 135 10.01 -11.40 -0.12
N PHE A 136 9.85 -11.03 -1.42
CA PHE A 136 9.11 -11.79 -2.43
C PHE A 136 9.61 -13.24 -2.52
N ARG A 137 10.94 -13.41 -2.65
CA ARG A 137 11.64 -14.68 -2.75
C ARG A 137 11.40 -15.57 -1.53
N MET A 138 11.63 -15.03 -0.30
CA MET A 138 11.45 -15.76 0.97
C MET A 138 10.00 -16.22 1.07
N MET A 139 9.07 -15.33 0.68
CA MET A 139 7.62 -15.53 0.59
C MET A 139 7.25 -16.47 -0.59
N ASN A 140 8.23 -16.80 -1.45
CA ASN A 140 8.09 -17.66 -2.62
C ASN A 140 7.01 -17.13 -3.54
N LEU A 141 7.17 -15.89 -3.99
CA LEU A 141 6.21 -15.27 -4.88
C LEU A 141 6.16 -15.98 -6.23
N GLN A 142 4.94 -16.26 -6.70
CA GLN A 142 4.65 -16.90 -7.97
C GLN A 142 4.25 -15.84 -9.02
N GLY A 143 4.56 -16.14 -10.28
CA GLY A 143 4.30 -15.31 -11.46
C GLY A 143 2.85 -14.95 -11.69
N GLU A 144 1.96 -15.86 -11.34
CA GLU A 144 0.52 -15.67 -11.46
C GLU A 144 0.02 -14.69 -10.40
N GLU A 145 0.60 -14.71 -9.19
CA GLU A 145 0.25 -13.79 -8.10
C GLU A 145 0.83 -12.41 -8.37
N PHE A 146 2.00 -12.37 -9.06
CA PHE A 146 2.74 -11.17 -9.41
C PHE A 146 1.93 -10.32 -10.40
N VAL A 147 1.42 -10.94 -11.50
CA VAL A 147 0.61 -10.28 -12.52
C VAL A 147 -0.68 -9.74 -11.94
N CYS A 148 -1.21 -10.42 -10.89
CA CYS A 148 -2.37 -9.96 -10.16
C CYS A 148 -2.05 -8.67 -9.37
N LEU A 149 -0.93 -8.65 -8.62
CA LEU A 149 -0.45 -7.53 -7.79
C LEU A 149 -0.09 -6.27 -8.56
N LYS A 150 0.52 -6.43 -9.74
CA LYS A 150 0.94 -5.34 -10.61
C LYS A 150 -0.32 -4.69 -11.20
N SER A 151 -1.39 -5.53 -11.43
CA SER A 151 -2.70 -5.11 -11.94
C SER A 151 -3.45 -4.39 -10.82
N ILE A 152 -3.25 -4.81 -9.57
CA ILE A 152 -3.82 -4.17 -8.38
C ILE A 152 -3.28 -2.75 -8.29
N ILE A 153 -1.94 -2.56 -8.32
CA ILE A 153 -1.25 -1.25 -8.27
C ILE A 153 -1.79 -0.26 -9.33
N LEU A 154 -1.97 -0.73 -10.60
CA LEU A 154 -2.46 0.14 -11.68
C LEU A 154 -3.87 0.66 -11.37
N LEU A 155 -4.74 -0.24 -10.92
CA LEU A 155 -6.13 0.10 -10.61
C LEU A 155 -6.33 0.74 -9.22
N ASN A 156 -5.35 0.61 -8.32
CA ASN A 156 -5.39 1.12 -6.94
C ASN A 156 -4.87 2.53 -6.79
N SER A 157 -3.84 2.89 -7.57
CA SER A 157 -3.17 4.20 -7.62
C SER A 157 -4.12 5.38 -7.38
N GLY A 158 -5.30 5.35 -8.03
CA GLY A 158 -6.36 6.34 -7.90
C GLY A 158 -7.37 6.02 -6.81
N HIS A 175 -17.12 0.33 -10.61
CA HIS A 175 -16.44 -0.41 -11.68
C HIS A 175 -14.98 -0.72 -11.35
N ILE A 176 -14.21 0.27 -10.85
CA ILE A 176 -12.80 0.10 -10.46
C ILE A 176 -12.69 -0.83 -9.24
N HIS A 177 -13.65 -0.75 -8.30
CA HIS A 177 -13.70 -1.59 -7.10
C HIS A 177 -14.31 -2.99 -7.41
N ARG A 178 -15.12 -3.08 -8.49
CA ARG A 178 -15.72 -4.32 -8.98
C ARG A 178 -14.59 -5.17 -9.56
N VAL A 179 -13.68 -4.54 -10.36
CA VAL A 179 -12.52 -5.21 -10.96
C VAL A 179 -11.51 -5.60 -9.88
N LEU A 180 -11.23 -4.68 -8.93
CA LEU A 180 -10.30 -4.87 -7.81
C LEU A 180 -10.72 -6.09 -6.98
N ASP A 181 -12.05 -6.32 -6.84
CA ASP A 181 -12.66 -7.46 -6.15
C ASP A 181 -12.39 -8.76 -6.95
N LYS A 182 -12.52 -8.69 -8.30
CA LYS A 182 -12.29 -9.80 -9.22
C LYS A 182 -10.83 -10.28 -9.13
N ILE A 183 -9.84 -9.35 -9.02
CA ILE A 183 -8.42 -9.72 -8.89
C ILE A 183 -8.15 -10.36 -7.50
N THR A 184 -8.94 -10.01 -6.47
CA THR A 184 -8.79 -10.64 -5.16
C THR A 184 -9.25 -12.10 -5.28
N ASP A 185 -10.44 -12.32 -5.91
CA ASP A 185 -11.06 -13.62 -6.17
C ASP A 185 -10.14 -14.51 -6.99
N THR A 186 -9.33 -13.91 -7.89
CA THR A 186 -8.34 -14.58 -8.73
C THR A 186 -7.13 -15.04 -7.89
N LEU A 187 -6.60 -14.12 -7.03
CA LEU A 187 -5.49 -14.36 -6.11
C LEU A 187 -5.85 -15.49 -5.18
N ILE A 188 -7.04 -15.39 -4.53
CA ILE A 188 -7.54 -16.41 -3.58
C ILE A 188 -7.80 -17.77 -4.31
N HIS A 189 -8.24 -17.73 -5.61
CA HIS A 189 -8.46 -18.94 -6.41
C HIS A 189 -7.14 -19.63 -6.67
N LEU A 190 -6.08 -18.84 -6.92
CA LEU A 190 -4.73 -19.33 -7.15
C LEU A 190 -4.13 -19.85 -5.84
N MET A 191 -4.57 -19.30 -4.69
CA MET A 191 -4.05 -19.79 -3.41
C MET A 191 -4.70 -21.11 -3.04
N ALA A 192 -6.01 -21.30 -3.38
CA ALA A 192 -6.75 -22.54 -3.16
C ALA A 192 -6.34 -23.65 -4.15
N LYS A 193 -6.05 -23.27 -5.41
CA LYS A 193 -5.59 -24.22 -6.42
C LYS A 193 -4.19 -24.82 -6.05
N ALA A 194 -3.36 -24.03 -5.30
CA ALA A 194 -2.00 -24.37 -4.82
C ALA A 194 -1.98 -25.18 -3.51
N GLY A 195 -3.17 -25.37 -2.94
CA GLY A 195 -3.38 -26.18 -1.75
C GLY A 195 -3.30 -25.51 -0.39
N LEU A 196 -3.18 -24.18 -0.32
CA LEU A 196 -3.13 -23.44 0.95
C LEU A 196 -4.52 -23.48 1.60
N THR A 197 -4.57 -23.68 2.93
CA THR A 197 -5.83 -23.72 3.70
C THR A 197 -6.47 -22.33 3.74
N LEU A 198 -7.77 -22.24 4.06
CA LEU A 198 -8.53 -20.97 4.13
C LEU A 198 -7.82 -19.88 4.97
N GLN A 199 -7.17 -20.30 6.07
CA GLN A 199 -6.41 -19.41 6.93
C GLN A 199 -5.15 -18.94 6.20
N GLN A 200 -4.41 -19.89 5.61
CA GLN A 200 -3.17 -19.64 4.87
C GLN A 200 -3.43 -18.71 3.68
N GLN A 201 -4.65 -18.79 3.11
CA GLN A 201 -5.15 -18.00 1.99
C GLN A 201 -5.35 -16.54 2.35
N HIS A 202 -6.15 -16.25 3.40
CA HIS A 202 -6.37 -14.87 3.79
C HIS A 202 -5.10 -14.23 4.39
N GLN A 203 -4.26 -15.03 5.11
CA GLN A 203 -2.98 -14.58 5.68
C GLN A 203 -1.99 -14.14 4.58
N ARG A 204 -1.82 -14.98 3.51
CA ARG A 204 -0.93 -14.70 2.37
C ARG A 204 -1.43 -13.51 1.56
N LEU A 205 -2.76 -13.41 1.36
CA LEU A 205 -3.38 -12.29 0.65
C LEU A 205 -3.00 -10.98 1.33
N ALA A 206 -3.12 -10.92 2.68
CA ALA A 206 -2.80 -9.75 3.47
C ALA A 206 -1.35 -9.34 3.37
N GLN A 207 -0.42 -10.31 3.51
CA GLN A 207 1.04 -10.09 3.40
C GLN A 207 1.34 -9.49 2.03
N LEU A 208 0.71 -10.06 0.96
CA LEU A 208 0.79 -9.60 -0.43
C LEU A 208 0.23 -8.20 -0.59
N LEU A 209 -0.84 -7.85 0.12
CA LEU A 209 -1.43 -6.51 -0.06
C LEU A 209 -0.73 -5.43 0.80
N LEU A 210 0.05 -5.86 1.81
CA LEU A 210 0.80 -4.95 2.67
C LEU A 210 2.19 -4.60 2.10
N ILE A 211 2.81 -5.52 1.29
CA ILE A 211 4.08 -5.26 0.61
C ILE A 211 3.90 -4.13 -0.40
N LEU A 212 2.63 -3.85 -0.74
CA LEU A 212 2.22 -2.82 -1.68
C LEU A 212 2.28 -1.45 -1.03
N SER A 213 2.19 -1.37 0.32
CA SER A 213 2.29 -0.10 1.06
C SER A 213 3.74 0.41 0.98
N HIS A 214 4.67 -0.56 1.01
CA HIS A 214 6.09 -0.42 0.91
C HIS A 214 6.42 0.04 -0.48
N ILE A 215 5.80 -0.58 -1.53
CA ILE A 215 6.03 -0.17 -2.94
C ILE A 215 5.53 1.27 -3.16
N ARG A 216 4.39 1.65 -2.57
CA ARG A 216 3.89 3.03 -2.67
C ARG A 216 4.90 4.00 -2.03
N HIS A 217 5.52 3.59 -0.90
CA HIS A 217 6.53 4.34 -0.17
C HIS A 217 7.81 4.46 -1.02
N MET A 218 8.34 3.34 -1.53
CA MET A 218 9.54 3.29 -2.39
C MET A 218 9.37 4.22 -3.61
N SER A 219 8.11 4.39 -4.07
CA SER A 219 7.76 5.22 -5.23
C SER A 219 7.79 6.74 -4.90
N ASN A 220 7.29 7.09 -3.69
CA ASN A 220 7.20 8.44 -3.15
C ASN A 220 8.59 9.00 -2.96
N LYS A 221 9.47 8.20 -2.32
CA LYS A 221 10.86 8.54 -2.04
C LYS A 221 11.65 8.67 -3.33
N GLY A 222 11.38 7.79 -4.30
CA GLY A 222 11.97 7.82 -5.63
C GLY A 222 11.57 9.08 -6.37
N MET A 223 10.26 9.44 -6.35
CA MET A 223 9.74 10.67 -7.00
C MET A 223 10.39 11.92 -6.39
N GLU A 224 10.62 11.93 -5.06
CA GLU A 224 11.26 13.00 -4.32
C GLU A 224 12.72 13.15 -4.78
N HIS A 225 13.46 12.00 -4.84
CA HIS A 225 14.86 11.93 -5.25
C HIS A 225 15.10 12.45 -6.67
N LEU A 226 14.51 11.77 -7.69
CA LEU A 226 14.64 12.12 -9.11
C LEU A 226 14.28 13.58 -9.42
N TYR A 227 13.27 14.13 -8.70
CA TYR A 227 12.73 15.47 -8.89
C TYR A 227 12.64 16.21 -7.55
N LYS A 230 14.72 18.38 -9.09
CA LYS A 230 15.15 18.58 -10.47
C LYS A 230 14.03 18.28 -11.51
N SER A 231 14.36 18.36 -12.82
CA SER A 231 13.48 18.15 -13.97
C SER A 231 13.30 16.68 -14.36
N LYS A 232 12.34 16.44 -15.28
CA LYS A 232 11.98 15.13 -15.83
C LYS A 232 12.51 15.01 -17.25
N ASN A 233 13.07 13.83 -17.58
CA ASN A 233 13.61 13.50 -18.90
C ASN A 233 12.79 12.39 -19.55
N VAL A 234 12.02 11.65 -18.72
CA VAL A 234 11.12 10.57 -19.16
C VAL A 234 9.76 11.20 -19.41
N VAL A 235 9.33 11.19 -20.69
CA VAL A 235 8.10 11.76 -21.27
C VAL A 235 6.86 11.61 -20.37
N PRO A 236 6.12 12.73 -20.05
CA PRO A 236 4.89 12.59 -19.24
C PRO A 236 3.94 11.64 -19.96
N LEU A 237 3.43 10.64 -19.22
CA LEU A 237 2.59 9.55 -19.73
C LEU A 237 1.34 9.96 -20.51
N TYR A 238 0.85 11.20 -20.34
CA TYR A 238 -0.30 11.66 -21.09
C TYR A 238 0.08 11.90 -22.52
N ASP A 239 1.27 12.50 -22.75
CA ASP A 239 1.83 12.75 -24.07
C ASP A 239 1.97 11.41 -24.79
N LEU A 240 2.52 10.40 -24.06
CA LEU A 240 2.72 9.02 -24.53
C LEU A 240 1.41 8.30 -24.83
N LEU A 241 0.52 8.13 -23.82
CA LEU A 241 -0.78 7.45 -23.98
C LEU A 241 -1.55 8.01 -25.17
N LEU A 242 -1.70 9.38 -25.23
CA LEU A 242 -2.35 10.12 -26.31
C LEU A 242 -1.63 9.89 -27.64
N GLU A 243 -0.27 9.88 -27.63
CA GLU A 243 0.58 9.65 -28.81
C GLU A 243 0.39 8.25 -29.40
N MET A 244 0.09 7.26 -28.54
CA MET A 244 -0.06 5.87 -28.94
C MET A 244 -1.43 5.49 -29.52
N LEU A 245 -2.50 6.28 -29.22
CA LEU A 245 -3.84 6.02 -29.74
C LEU A 245 -4.10 6.79 -31.04
N LEU B 9 0.31 -13.99 20.51
CA LEU B 9 0.22 -15.12 19.58
C LEU B 9 -0.69 -16.27 20.07
N SER B 10 -0.79 -16.43 21.40
CA SER B 10 -1.67 -17.42 22.01
C SER B 10 -3.13 -16.94 21.97
N LEU B 11 -3.34 -15.59 21.96
CA LEU B 11 -4.59 -14.83 21.95
C LEU B 11 -5.55 -15.17 20.82
N THR B 12 -6.85 -15.24 21.16
CA THR B 12 -7.95 -15.50 20.22
C THR B 12 -8.40 -14.20 19.55
N ALA B 13 -9.25 -14.29 18.51
CA ALA B 13 -9.76 -13.14 17.76
C ALA B 13 -10.50 -12.15 18.65
N ASP B 14 -11.43 -12.65 19.49
CA ASP B 14 -12.21 -11.84 20.43
C ASP B 14 -11.35 -11.31 21.57
N GLN B 15 -10.26 -12.03 21.92
CA GLN B 15 -9.30 -11.61 22.92
C GLN B 15 -8.42 -10.48 22.34
N MET B 16 -8.11 -10.58 21.04
CA MET B 16 -7.31 -9.61 20.27
C MET B 16 -8.09 -8.31 20.03
N VAL B 17 -9.38 -8.41 19.62
CA VAL B 17 -10.17 -7.22 19.35
C VAL B 17 -10.46 -6.42 20.65
N SER B 18 -10.77 -7.13 21.74
CA SER B 18 -11.06 -6.52 23.03
C SER B 18 -9.80 -5.96 23.69
N ALA B 19 -8.63 -6.59 23.45
CA ALA B 19 -7.36 -6.14 24.03
C ALA B 19 -6.95 -4.83 23.42
N LEU B 20 -7.25 -4.65 22.11
CA LEU B 20 -6.96 -3.44 21.37
C LEU B 20 -7.97 -2.35 21.67
N LEU B 21 -9.28 -2.72 21.73
CA LEU B 21 -10.35 -1.80 22.08
C LEU B 21 -10.09 -1.15 23.44
N ASP B 22 -9.47 -1.91 24.39
CA ASP B 22 -9.07 -1.45 25.74
C ASP B 22 -7.91 -0.47 25.65
N ALA B 23 -6.96 -0.70 24.69
CA ALA B 23 -5.76 0.12 24.46
C ALA B 23 -6.04 1.46 23.75
N GLU B 24 -7.28 1.65 23.24
CA GLU B 24 -7.72 2.82 22.49
C GLU B 24 -7.51 4.12 23.22
N PRO B 25 -6.59 4.97 22.71
CA PRO B 25 -6.34 6.27 23.34
C PRO B 25 -7.58 7.16 23.47
N PRO B 26 -7.56 8.15 24.38
CA PRO B 26 -8.71 9.06 24.48
C PRO B 26 -8.71 10.11 23.36
N ILE B 27 -9.89 10.67 23.06
CA ILE B 27 -10.06 11.76 22.10
C ILE B 27 -9.59 13.04 22.84
N LEU B 28 -8.67 13.80 22.23
CA LEU B 28 -8.10 15.00 22.84
C LEU B 28 -8.72 16.30 22.28
N TYR B 29 -8.39 17.46 22.86
CA TYR B 29 -8.96 18.75 22.43
C TYR B 29 -7.87 19.79 22.13
N SER B 30 -8.31 21.00 21.70
CA SER B 30 -7.44 22.14 21.42
C SER B 30 -7.55 23.23 22.50
N GLU B 40 -3.37 31.01 10.53
CA GLU B 40 -2.35 30.23 9.81
C GLU B 40 -1.29 29.72 10.80
N ALA B 41 -0.60 30.64 11.52
CA ALA B 41 0.36 30.32 12.57
C ALA B 41 -0.44 29.79 13.76
N SER B 42 -1.66 30.33 13.94
CA SER B 42 -2.64 29.94 14.94
C SER B 42 -3.13 28.51 14.68
N MET B 43 -3.46 28.16 13.41
CA MET B 43 -3.92 26.83 13.01
C MET B 43 -2.83 25.77 13.11
N MET B 44 -1.62 26.07 12.61
CA MET B 44 -0.50 25.13 12.68
C MET B 44 -0.01 24.87 14.09
N GLY B 45 0.03 25.92 14.93
CA GLY B 45 0.46 25.84 16.33
C GLY B 45 -0.48 24.98 17.15
N LEU B 46 -1.80 25.16 16.90
CA LEU B 46 -2.89 24.41 17.52
C LEU B 46 -2.77 22.93 17.15
N LEU B 47 -2.42 22.65 15.87
CA LEU B 47 -2.24 21.30 15.35
C LEU B 47 -0.96 20.64 15.88
N THR B 48 0.17 21.40 15.97
CA THR B 48 1.46 20.93 16.49
C THR B 48 1.31 20.52 17.94
N ASN B 49 0.63 21.37 18.75
CA ASN B 49 0.35 21.14 20.16
C ASN B 49 -0.52 19.88 20.35
N LEU B 50 -1.64 19.76 19.59
CA LEU B 50 -2.58 18.62 19.62
C LEU B 50 -1.84 17.30 19.37
N ALA B 51 -1.16 17.20 18.20
CA ALA B 51 -0.36 16.05 17.77
C ALA B 51 0.70 15.63 18.81
N ASP B 52 1.40 16.63 19.42
CA ASP B 52 2.43 16.48 20.47
C ASP B 52 1.86 15.81 21.72
N ARG B 53 0.58 16.09 22.07
CA ARG B 53 -0.15 15.46 23.16
C ARG B 53 -0.69 14.06 22.76
N GLU B 54 -0.89 13.85 21.44
CA GLU B 54 -1.42 12.63 20.87
C GLU B 54 -0.37 11.55 20.75
N LEU B 55 0.92 11.94 20.63
CA LEU B 55 2.06 11.05 20.54
C LEU B 55 2.33 10.34 21.87
N VAL B 56 2.07 11.00 23.01
CA VAL B 56 2.26 10.36 24.33
C VAL B 56 1.25 9.21 24.54
N HIS B 57 -0.01 9.40 24.08
CA HIS B 57 -1.08 8.39 24.18
C HIS B 57 -0.86 7.24 23.22
N MET B 58 -0.30 7.55 22.04
CA MET B 58 0.02 6.62 20.98
C MET B 58 1.13 5.73 21.49
N ILE B 59 2.22 6.35 21.98
CA ILE B 59 3.41 5.65 22.49
C ILE B 59 3.02 4.65 23.58
N ASN B 60 1.99 5.01 24.38
CA ASN B 60 1.48 4.16 25.44
C ASN B 60 0.54 3.06 24.87
N TRP B 61 -0.35 3.40 23.87
CA TRP B 61 -1.27 2.48 23.14
C TRP B 61 -0.49 1.34 22.51
N ALA B 62 0.61 1.69 21.85
CA ALA B 62 1.49 0.80 21.13
C ALA B 62 2.01 -0.32 22.03
N LYS B 63 2.34 0.00 23.30
CA LYS B 63 2.84 -0.98 24.30
C LYS B 63 1.80 -2.09 24.61
N ARG B 64 0.50 -1.77 24.36
CA ARG B 64 -0.67 -2.62 24.57
C ARG B 64 -1.11 -3.41 23.33
N VAL B 65 -0.30 -3.38 22.25
CA VAL B 65 -0.55 -4.09 20.99
C VAL B 65 0.05 -5.49 21.12
N PRO B 66 -0.77 -6.54 21.37
CA PRO B 66 -0.24 -7.91 21.50
C PRO B 66 0.93 -8.23 20.58
N GLY B 67 2.14 -8.27 21.16
CA GLY B 67 3.38 -8.56 20.44
C GLY B 67 4.45 -7.48 20.56
N PHE B 68 4.06 -6.21 20.30
CA PHE B 68 4.90 -4.99 20.26
C PHE B 68 5.84 -4.76 21.45
N VAL B 69 5.39 -4.93 22.69
CA VAL B 69 6.23 -4.68 23.88
C VAL B 69 7.43 -5.70 24.02
N ASP B 70 7.40 -6.82 23.25
CA ASP B 70 8.42 -7.87 23.22
C ASP B 70 9.56 -7.59 22.18
N LEU B 71 10.02 -6.32 22.07
CA LEU B 71 11.08 -5.92 21.13
C LEU B 71 12.14 -5.08 21.85
N ASP B 75 14.00 -1.15 18.33
CA ASP B 75 13.12 -1.61 17.26
C ASP B 75 11.69 -1.06 17.38
N GLN B 76 11.21 -0.86 18.63
CA GLN B 76 9.90 -0.26 18.89
C GLN B 76 9.94 1.24 18.49
N VAL B 77 11.07 1.89 18.77
CA VAL B 77 11.33 3.31 18.50
C VAL B 77 11.20 3.62 17.00
N HIS B 78 11.81 2.77 16.14
CA HIS B 78 11.75 2.96 14.69
C HIS B 78 10.35 2.72 14.11
N LEU B 79 9.57 1.76 14.67
CA LEU B 79 8.20 1.46 14.23
C LEU B 79 7.24 2.63 14.45
N LEU B 80 7.46 3.40 15.54
CA LEU B 80 6.71 4.61 15.86
C LEU B 80 7.29 5.79 15.09
N GLU B 81 8.53 5.65 14.58
CA GLU B 81 9.18 6.68 13.77
C GLU B 81 8.58 6.65 12.36
N SER B 82 8.20 5.46 11.88
CA SER B 82 7.62 5.20 10.57
C SER B 82 6.10 5.37 10.53
N ALA B 83 5.40 4.87 11.57
CA ALA B 83 3.95 4.93 11.62
C ALA B 83 3.32 6.07 12.42
N TRP B 84 4.09 7.00 13.05
CA TRP B 84 3.42 8.01 13.87
C TRP B 84 2.42 8.90 13.08
N LEU B 85 2.78 9.35 11.88
CA LEU B 85 1.86 10.15 11.09
C LEU B 85 0.76 9.28 10.38
N GLU B 86 0.99 7.95 10.13
CA GLU B 86 -0.04 7.09 9.50
C GLU B 86 -1.15 6.83 10.53
N ILE B 87 -0.75 6.63 11.82
CA ILE B 87 -1.61 6.41 13.00
C ILE B 87 -2.42 7.68 13.33
N LEU B 88 -1.77 8.87 13.24
CA LEU B 88 -2.42 10.16 13.47
C LEU B 88 -3.47 10.45 12.38
N MET B 89 -3.17 9.99 11.16
CA MET B 89 -4.03 10.15 9.99
C MET B 89 -5.19 9.22 10.01
N ILE B 90 -4.96 7.91 10.32
CA ILE B 90 -6.06 6.96 10.37
C ILE B 90 -7.04 7.37 11.49
N GLY B 91 -6.52 7.79 12.64
CA GLY B 91 -7.31 8.28 13.77
C GLY B 91 -8.18 9.44 13.34
N LEU B 92 -7.55 10.49 12.73
CA LEU B 92 -8.24 11.68 12.20
C LEU B 92 -9.34 11.32 11.23
N VAL B 93 -8.99 10.53 10.19
CA VAL B 93 -9.88 9.98 9.16
C VAL B 93 -11.05 9.18 9.79
N TRP B 94 -10.79 8.41 10.87
CA TRP B 94 -11.83 7.66 11.60
C TRP B 94 -12.82 8.60 12.34
N ARG B 95 -12.32 9.63 13.04
CA ARG B 95 -13.11 10.62 13.79
C ARG B 95 -14.03 11.41 12.87
N SER B 96 -13.44 12.05 11.88
CA SER B 96 -14.08 12.91 10.89
C SER B 96 -15.03 12.19 9.87
N MET B 97 -15.32 10.89 10.08
CA MET B 97 -16.17 10.02 9.25
C MET B 97 -17.60 10.52 9.02
N GLU B 98 -18.31 10.92 10.09
CA GLU B 98 -19.67 11.43 9.93
C GLU B 98 -19.66 12.96 9.67
N HIS B 99 -18.48 13.53 9.36
CA HIS B 99 -18.33 14.95 9.04
C HIS B 99 -17.80 15.07 7.60
N PRO B 100 -18.67 14.92 6.58
CA PRO B 100 -18.19 15.07 5.21
C PRO B 100 -17.94 16.55 4.92
N GLY B 101 -16.80 16.83 4.30
CA GLY B 101 -16.40 18.19 3.97
C GLY B 101 -15.51 18.81 5.01
N LYS B 102 -15.63 18.36 6.26
CA LYS B 102 -14.86 18.84 7.40
C LYS B 102 -13.94 17.73 7.94
N LEU B 103 -12.87 18.13 8.62
CA LEU B 103 -11.88 17.30 9.30
C LEU B 103 -11.90 17.64 10.78
N LEU B 104 -12.27 16.65 11.61
CA LEU B 104 -12.42 16.71 13.07
C LEU B 104 -11.11 16.31 13.78
N PHE B 105 -10.22 17.31 13.93
CA PHE B 105 -8.92 17.20 14.57
C PHE B 105 -9.07 17.06 16.06
N ALA B 106 -10.09 17.72 16.60
CA ALA B 106 -10.51 17.70 18.00
C ALA B 106 -11.98 18.10 18.01
N PRO B 107 -12.81 17.71 19.02
CA PRO B 107 -14.22 18.13 18.99
C PRO B 107 -14.37 19.65 18.91
N ASN B 108 -13.40 20.41 19.48
CA ASN B 108 -13.36 21.87 19.43
C ASN B 108 -12.58 22.42 18.22
N LEU B 109 -11.95 21.52 17.43
CA LEU B 109 -11.17 21.89 16.25
C LEU B 109 -11.68 21.12 15.05
N LEU B 110 -12.64 21.73 14.35
CA LEU B 110 -13.27 21.19 13.15
C LEU B 110 -12.95 22.12 11.99
N LEU B 111 -12.09 21.68 11.06
CA LEU B 111 -11.66 22.49 9.91
C LEU B 111 -12.18 21.93 8.60
N ASP B 112 -12.61 22.81 7.69
CA ASP B 112 -13.11 22.41 6.36
C ASP B 112 -12.46 23.23 5.23
N MET B 122 -0.90 22.46 0.86
CA MET B 122 -1.49 21.66 1.93
C MET B 122 -2.88 21.12 1.58
N VAL B 123 -3.73 21.93 0.90
CA VAL B 123 -5.10 21.56 0.49
C VAL B 123 -5.17 20.12 -0.08
N GLU B 124 -4.10 19.70 -0.81
CA GLU B 124 -3.93 18.38 -1.42
C GLU B 124 -4.05 17.32 -0.34
N ILE B 125 -3.25 17.45 0.77
CA ILE B 125 -3.25 16.55 1.92
C ILE B 125 -4.63 16.57 2.58
N PHE B 126 -5.21 17.76 2.75
CA PHE B 126 -6.54 17.88 3.33
C PHE B 126 -7.60 17.14 2.49
N ASP B 127 -7.53 17.22 1.16
CA ASP B 127 -8.42 16.53 0.22
C ASP B 127 -8.22 15.02 0.24
N MET B 128 -6.95 14.59 0.30
CA MET B 128 -6.56 13.19 0.39
C MET B 128 -7.08 12.59 1.69
N LEU B 129 -7.14 13.41 2.75
CA LEU B 129 -7.67 12.99 4.04
C LEU B 129 -9.21 12.92 4.04
N LEU B 130 -9.88 13.78 3.26
CA LEU B 130 -11.36 13.77 3.14
C LEU B 130 -11.83 12.54 2.32
N ALA B 131 -11.10 12.22 1.23
CA ALA B 131 -11.37 11.08 0.34
C ALA B 131 -11.28 9.75 1.10
N THR B 132 -10.25 9.60 1.98
CA THR B 132 -10.04 8.40 2.77
C THR B 132 -11.20 8.21 3.73
N SER B 133 -11.62 9.32 4.39
CA SER B 133 -12.71 9.36 5.34
C SER B 133 -14.01 9.08 4.62
N SER B 134 -14.14 9.51 3.34
CA SER B 134 -15.33 9.25 2.53
C SER B 134 -15.39 7.76 2.20
N ARG B 135 -14.23 7.15 1.92
CA ARG B 135 -14.11 5.73 1.63
C ARG B 135 -14.44 4.92 2.88
N PHE B 136 -13.97 5.39 4.05
CA PHE B 136 -14.22 4.74 5.34
C PHE B 136 -15.72 4.75 5.66
N ARG B 137 -16.43 5.82 5.25
CA ARG B 137 -17.87 5.98 5.43
C ARG B 137 -18.57 5.03 4.45
N MET B 138 -18.19 5.09 3.15
CA MET B 138 -18.71 4.28 2.06
C MET B 138 -18.57 2.76 2.27
N MET B 139 -17.65 2.35 3.16
CA MET B 139 -17.37 0.95 3.45
C MET B 139 -18.06 0.48 4.72
N ASN B 140 -18.64 1.45 5.51
CA ASN B 140 -19.29 1.25 6.82
C ASN B 140 -18.28 0.70 7.84
N LEU B 141 -16.97 1.02 7.67
CA LEU B 141 -15.88 0.53 8.53
C LEU B 141 -16.24 0.57 10.00
N GLN B 142 -16.19 -0.59 10.64
CA GLN B 142 -16.51 -0.72 12.05
C GLN B 142 -15.28 -0.40 12.87
N GLY B 143 -15.52 0.11 14.08
CA GLY B 143 -14.48 0.49 15.04
C GLY B 143 -13.56 -0.67 15.40
N GLU B 144 -14.16 -1.87 15.56
CA GLU B 144 -13.47 -3.12 15.85
C GLU B 144 -12.44 -3.42 14.74
N GLU B 145 -12.78 -3.07 13.45
CA GLU B 145 -11.91 -3.24 12.27
C GLU B 145 -10.91 -2.06 12.19
N PHE B 146 -11.30 -0.86 12.72
CA PHE B 146 -10.40 0.31 12.72
C PHE B 146 -9.16 0.09 13.59
N VAL B 147 -9.35 -0.49 14.79
CA VAL B 147 -8.25 -0.80 15.72
C VAL B 147 -7.23 -1.77 15.08
N CYS B 148 -7.73 -2.71 14.25
CA CYS B 148 -6.94 -3.72 13.58
C CYS B 148 -6.06 -3.10 12.52
N LEU B 149 -6.62 -2.13 11.75
CA LEU B 149 -5.89 -1.38 10.73
C LEU B 149 -4.74 -0.61 11.35
N LYS B 150 -5.00 0.13 12.46
CA LYS B 150 -4.02 0.89 13.23
C LYS B 150 -2.83 0.02 13.68
N SER B 151 -3.13 -1.19 14.22
CA SER B 151 -2.14 -2.16 14.71
C SER B 151 -1.35 -2.75 13.55
N ILE B 152 -2.00 -2.90 12.38
CA ILE B 152 -1.33 -3.39 11.18
C ILE B 152 -0.40 -2.29 10.69
N ILE B 153 -0.88 -1.03 10.60
CA ILE B 153 -0.11 0.15 10.21
C ILE B 153 1.20 0.20 11.01
N LEU B 154 1.11 0.18 12.37
CA LEU B 154 2.23 0.23 13.33
C LEU B 154 3.27 -0.87 13.09
N LEU B 155 2.81 -2.13 12.92
CA LEU B 155 3.67 -3.30 12.72
C LEU B 155 4.30 -3.36 11.32
N ASN B 156 3.51 -3.09 10.26
CA ASN B 156 3.98 -3.10 8.87
C ASN B 156 4.69 -1.77 8.40
N SER B 157 4.89 -0.79 9.29
CA SER B 157 5.57 0.47 8.94
C SER B 157 7.04 0.32 8.53
N GLY B 158 7.75 -0.66 9.11
CA GLY B 158 9.16 -0.93 8.85
C GLY B 158 9.41 -1.74 7.59
N GLU B 171 14.96 -14.38 13.61
CA GLU B 171 13.89 -14.84 14.50
C GLU B 171 12.99 -13.68 14.97
N GLU B 172 13.59 -12.50 15.26
CA GLU B 172 12.93 -11.27 15.74
C GLU B 172 12.03 -10.65 14.66
N LYS B 173 12.33 -10.94 13.38
CA LYS B 173 11.63 -10.46 12.19
C LYS B 173 10.34 -11.26 11.91
N ASP B 174 10.34 -12.57 12.20
CA ASP B 174 9.20 -13.46 12.03
C ASP B 174 8.13 -13.16 13.11
N HIS B 175 8.56 -12.61 14.27
CA HIS B 175 7.64 -12.24 15.34
C HIS B 175 6.61 -11.22 14.84
N ILE B 176 7.05 -10.25 14.00
CA ILE B 176 6.17 -9.23 13.40
C ILE B 176 5.22 -9.90 12.39
N HIS B 177 5.76 -10.83 11.56
CA HIS B 177 5.02 -11.59 10.55
C HIS B 177 3.85 -12.37 11.15
N ARG B 178 4.15 -13.24 12.15
CA ARG B 178 3.15 -14.07 12.84
C ARG B 178 2.05 -13.25 13.55
N VAL B 179 2.40 -12.04 14.08
CA VAL B 179 1.42 -11.16 14.73
C VAL B 179 0.46 -10.59 13.68
N LEU B 180 1.01 -10.09 12.53
CA LEU B 180 0.21 -9.54 11.44
C LEU B 180 -0.76 -10.60 10.91
N ASP B 181 -0.27 -11.85 10.73
CA ASP B 181 -1.08 -13.00 10.31
C ASP B 181 -2.17 -13.32 11.33
N LYS B 182 -2.03 -12.81 12.59
CA LYS B 182 -3.02 -12.99 13.66
C LYS B 182 -4.06 -11.85 13.61
N ILE B 183 -3.63 -10.59 13.29
CA ILE B 183 -4.57 -9.46 13.14
C ILE B 183 -5.48 -9.70 11.89
N THR B 184 -4.96 -10.43 10.88
CA THR B 184 -5.70 -10.81 9.68
C THR B 184 -6.76 -11.86 10.01
N ASP B 185 -6.44 -12.85 10.86
CA ASP B 185 -7.43 -13.83 11.31
C ASP B 185 -8.54 -13.05 12.09
N THR B 186 -8.15 -12.07 12.93
CA THR B 186 -9.05 -11.21 13.71
C THR B 186 -10.04 -10.44 12.78
N LEU B 187 -9.50 -9.78 11.74
CA LEU B 187 -10.28 -9.04 10.75
C LEU B 187 -11.29 -9.93 10.04
N ILE B 188 -10.86 -11.15 9.63
CA ILE B 188 -11.69 -12.15 8.94
C ILE B 188 -12.75 -12.69 9.89
N HIS B 189 -12.40 -12.92 11.19
CA HIS B 189 -13.36 -13.36 12.20
C HIS B 189 -14.43 -12.29 12.45
N LEU B 190 -14.01 -11.02 12.64
CA LEU B 190 -14.89 -9.85 12.82
C LEU B 190 -15.89 -9.75 11.66
N MET B 191 -15.46 -10.15 10.46
CA MET B 191 -16.29 -10.16 9.26
C MET B 191 -17.23 -11.35 9.24
N ALA B 192 -16.72 -12.54 9.70
CA ALA B 192 -17.46 -13.78 9.83
C ALA B 192 -18.66 -13.54 10.76
N LYS B 193 -18.42 -12.88 11.92
CA LYS B 193 -19.43 -12.50 12.92
C LYS B 193 -20.49 -11.59 12.30
N ALA B 194 -20.05 -10.56 11.52
CA ALA B 194 -20.89 -9.58 10.85
C ALA B 194 -21.90 -10.20 9.89
N GLY B 195 -21.63 -11.41 9.41
CA GLY B 195 -22.50 -12.15 8.52
C GLY B 195 -22.09 -12.19 7.06
N LEU B 196 -20.86 -11.76 6.76
CA LEU B 196 -20.35 -11.74 5.39
C LEU B 196 -19.89 -13.13 4.98
N THR B 197 -20.02 -13.44 3.67
CA THR B 197 -19.59 -14.72 3.08
C THR B 197 -18.06 -14.73 2.90
N LEU B 198 -17.46 -15.92 2.75
CA LEU B 198 -16.02 -16.07 2.53
C LEU B 198 -15.48 -15.22 1.40
N GLN B 199 -16.26 -15.04 0.32
CA GLN B 199 -15.89 -14.20 -0.83
C GLN B 199 -16.05 -12.72 -0.48
N GLN B 200 -17.09 -12.39 0.32
CA GLN B 200 -17.39 -11.04 0.80
C GLN B 200 -16.42 -10.66 1.93
N GLN B 201 -15.60 -11.64 2.40
CA GLN B 201 -14.62 -11.46 3.48
C GLN B 201 -13.27 -11.10 2.90
N HIS B 202 -12.83 -11.86 1.90
CA HIS B 202 -11.55 -11.68 1.23
C HIS B 202 -11.49 -10.34 0.51
N GLN B 203 -12.56 -9.99 -0.24
CA GLN B 203 -12.77 -8.73 -0.96
C GLN B 203 -12.65 -7.55 -0.01
N ARG B 204 -13.34 -7.62 1.16
CA ARG B 204 -13.31 -6.59 2.20
C ARG B 204 -11.93 -6.49 2.86
N LEU B 205 -11.26 -7.63 3.07
CA LEU B 205 -9.92 -7.61 3.65
C LEU B 205 -9.04 -6.84 2.68
N ALA B 206 -9.06 -7.25 1.38
CA ALA B 206 -8.35 -6.62 0.26
C ALA B 206 -8.66 -5.12 0.15
N GLN B 207 -9.94 -4.74 0.31
CA GLN B 207 -10.39 -3.37 0.23
C GLN B 207 -9.73 -2.48 1.27
N LEU B 208 -9.78 -2.90 2.54
CA LEU B 208 -9.18 -2.20 3.68
C LEU B 208 -7.65 -2.10 3.56
N LEU B 209 -6.98 -3.22 3.19
CA LEU B 209 -5.51 -3.27 3.04
C LEU B 209 -4.99 -2.35 1.95
N LEU B 210 -5.72 -2.21 0.85
CA LEU B 210 -5.33 -1.33 -0.24
C LEU B 210 -5.48 0.19 0.11
N ILE B 211 -6.18 0.47 1.23
CA ILE B 211 -6.35 1.80 1.81
C ILE B 211 -5.06 2.16 2.58
N LEU B 212 -4.32 1.16 3.07
CA LEU B 212 -3.10 1.44 3.81
C LEU B 212 -2.00 1.98 2.89
N SER B 213 -2.01 1.57 1.59
CA SER B 213 -1.15 2.12 0.54
C SER B 213 -1.46 3.62 0.39
N HIS B 214 -2.74 3.98 0.55
CA HIS B 214 -3.18 5.35 0.43
C HIS B 214 -2.77 6.20 1.60
N ILE B 215 -2.83 5.64 2.81
CA ILE B 215 -2.45 6.35 4.05
C ILE B 215 -0.90 6.42 4.16
N ARG B 216 -0.19 5.44 3.54
CA ARG B 216 1.28 5.45 3.49
C ARG B 216 1.64 6.62 2.62
N HIS B 217 0.99 6.73 1.47
CA HIS B 217 1.16 7.82 0.52
C HIS B 217 0.81 9.20 1.15
N MET B 218 -0.29 9.27 1.91
CA MET B 218 -0.74 10.47 2.62
C MET B 218 0.29 10.97 3.63
N SER B 219 0.91 10.05 4.40
CA SER B 219 1.94 10.32 5.39
C SER B 219 3.19 10.86 4.71
N ASN B 220 3.63 10.21 3.63
CA ASN B 220 4.82 10.54 2.87
C ASN B 220 4.75 11.95 2.35
N LYS B 221 3.61 12.31 1.74
CA LYS B 221 3.43 13.64 1.19
C LYS B 221 3.14 14.64 2.29
N GLY B 222 2.76 14.13 3.46
CA GLY B 222 2.54 14.94 4.65
C GLY B 222 3.84 15.32 5.31
N MET B 223 4.86 14.48 5.16
CA MET B 223 6.22 14.65 5.68
C MET B 223 6.96 15.72 4.93
N GLU B 224 6.86 15.69 3.59
CA GLU B 224 7.50 16.67 2.71
C GLU B 224 6.98 18.07 3.07
N HIS B 225 5.65 18.21 3.24
CA HIS B 225 4.98 19.46 3.58
C HIS B 225 5.40 20.02 4.93
N LEU B 226 5.80 19.14 5.87
CA LEU B 226 6.26 19.55 7.20
C LEU B 226 7.72 20.03 7.17
C1 C6V C . 13.65 8.94 -14.77
C2 C6V C . 13.87 0.93 -14.74
C3 C6V C . 13.10 -0.01 -14.01
C13 C6V C . 14.72 4.02 -9.37
C14 C6V C . 15.08 5.43 -12.71
C15 C6V C . 15.99 6.44 -13.08
C16 C6V C . 15.52 7.57 -13.76
C17 C6V C . 14.15 7.71 -14.04
C18 C6V C . 13.25 6.70 -13.66
C19 C6V C . 13.71 5.57 -12.98
C20 C6V C . 14.17 10.17 -14.71
C21 C6V C . 13.62 11.33 -15.46
C24 C6V C . 15.79 3.93 -8.41
C25 C6V C . 15.96 5.04 -7.55
C26 C6V C . 15.15 6.17 -7.58
C27 C6V C . 14.13 6.28 -8.53
C28 C6V C . 13.93 5.20 -9.40
C30 C6V C . 16.76 2.71 -8.28
C4 C6V C . 12.92 0.17 -12.63
C5 C6V C . 13.51 1.29 -12.02
C6 C6V C . 14.26 2.21 -12.73
C7 C6V C . 14.47 2.04 -14.12
S8 C6V C . 13.34 1.62 -10.30
C9 C6V C . 14.39 3.02 -10.49
C10 C6V C . 14.77 3.26 -11.75
O11 C6V C . 12.50 -1.11 -14.64
O12 C6V C . 15.57 4.30 -12.04
O22 C6V C . 14.42 12.15 -15.87
O23 C6V C . 12.30 11.46 -15.64
F29 C6V C . 15.37 7.16 -6.72
F31 C6V C . 17.66 2.76 -9.31
C32 C6V C . 17.63 2.60 -6.99
F33 C6V C . 16.09 1.52 -8.35
C1 GOL D . 8.99 -9.03 -16.96
O1 GOL D . 7.82 -9.79 -16.74
C2 GOL D . 8.66 -7.55 -16.95
O2 GOL D . 8.42 -7.12 -15.61
C3 GOL D . 9.77 -6.73 -17.56
O3 GOL D . 9.33 -5.42 -17.91
C1 GOL E . 2.81 -21.51 -4.03
O1 GOL E . 3.59 -22.54 -3.44
C2 GOL E . 2.33 -20.54 -2.97
O2 GOL E . 3.47 -20.05 -2.24
C3 GOL E . 1.58 -19.38 -3.57
O3 GOL E . 0.34 -19.79 -4.14
C1 C6V F . 4.40 18.84 13.71
C2 C6V F . -3.23 15.90 14.78
C3 C6V F . -3.85 14.75 14.22
C13 C6V F . -1.04 16.98 9.01
C14 C6V F . 0.41 18.32 12.09
C15 C6V F . 0.99 19.58 12.21
C16 C6V F . 2.29 19.72 12.72
C17 C6V F . 3.01 18.59 13.14
C18 C6V F . 2.44 17.30 13.02
C19 C6V F . 1.13 17.17 12.50
C20 C6V F . 5.09 19.97 13.52
C21 C6V F . 6.43 20.26 14.07
C24 C6V F . -1.63 17.87 8.05
C25 C6V F . -0.85 18.19 6.93
C26 C6V F . 0.44 17.68 6.76
C27 C6V F . 1.02 16.83 7.71
C28 C6V F . 0.26 16.48 8.84
C30 C6V F . -3.08 18.44 8.16
C4 C6V F . -3.68 14.45 12.86
C5 C6V F . -2.92 15.31 12.06
C6 C6V F . -2.32 16.45 12.61
C7 C6V F . -2.46 16.77 13.97
S8 C6V F . -2.66 15.02 10.34
C9 C6V F . -1.72 16.51 10.30
C10 C6V F . -1.56 17.14 11.48
O11 C6V F . -4.62 13.90 14.99
O12 C6V F . -0.87 18.28 11.57
O22 C6V F . 6.80 21.43 14.11
O23 C6V F . 7.18 19.24 14.51
F29 C6V F . 1.10 18.02 5.66
F31 C6V F . -3.24 19.25 9.26
C32 C6V F . -3.61 19.30 6.99
F33 C6V F . -3.92 17.38 8.22
C1 GOL G . -4.83 14.76 26.90
O1 GOL G . -3.64 14.17 27.44
C2 GOL G . -4.58 16.14 26.32
O2 GOL G . -3.53 16.74 27.05
C3 GOL G . -5.80 17.03 26.43
O3 GOL G . -6.76 16.74 25.41
#